data_8PBJ
#
_entry.id   8PBJ
#
_cell.length_a   82.219
_cell.length_b   158.537
_cell.length_c   61.991
_cell.angle_alpha   90.000
_cell.angle_beta   90.000
_cell.angle_gamma   90.000
#
_symmetry.space_group_name_H-M   'C 2 2 21'
#
loop_
_entity.id
_entity.type
_entity.pdbx_description
1 polymer 'CAD protein'
2 non-polymer N-CARBAMOYL-L-ASPARTATE
3 non-polymer 'FORMIC ACID'
4 non-polymer GLYCEROL
5 non-polymer 'ZINC ION'
6 water water
#
_entity_poly.entity_id   1
_entity_poly.type   'polypeptide(L)'
_entity_poly.pdbx_seq_one_letter_code
;KLVRLPGLIDVHVHLREPGGTHKEDFASGTAAALAGGITMVCAMPNTRPPIIDAPALALAQKLAEAGARCDFALFLGASS
ENAGTLGTVAGSAAGL(KCX)LYLNETFSELRLDSVVQWMEHFETWPSHLPIVAHAEQQTVAAVLMVAQLTQRSVHICHV
ARKEEILLIKAAKARGLPVTCEVAPHHLFLSHDDLERLGPGKGEVRPELGSRQDVEALWENMAVIDCFASDHAPHTLEEK
CGSRPPPGFPGLETMLPLLLTAVSEGWLSLDDLLQRLHHNPRRIFHLPPQEDTYVEVDLEHEWTIPSHMPFSKAHWTPFE
GQKVKGTVRRVVLRGEVAYIDGQVLVPPGYGQDVRKWPQGAVPQLP
;
_entity_poly.pdbx_strand_id   A
#
loop_
_chem_comp.id
_chem_comp.type
_chem_comp.name
_chem_comp.formula
FMT non-polymer 'FORMIC ACID' 'C H2 O2'
GOL non-polymer GLYCEROL 'C3 H8 O3'
NCD non-polymer N-CARBAMOYL-L-ASPARTATE 'C5 H8 N2 O5'
ZN non-polymer 'ZINC ION' 'Zn 2'
#
# COMPACT_ATOMS: atom_id res chain seq x y z
N LYS A 1 -2.35 18.37 -23.78
CA LYS A 1 -3.21 18.80 -22.68
C LYS A 1 -3.10 17.85 -21.50
N LEU A 2 -2.48 18.31 -20.43
CA LEU A 2 -2.24 17.48 -19.27
C LEU A 2 -3.39 17.65 -18.28
N VAL A 3 -3.65 16.62 -17.50
CA VAL A 3 -4.62 16.69 -16.43
C VAL A 3 -3.88 16.78 -15.10
N ARG A 4 -4.29 17.74 -14.29
CA ARG A 4 -3.71 17.97 -12.97
C ARG A 4 -4.49 17.17 -11.93
N LEU A 5 -3.78 16.31 -11.24
CA LEU A 5 -4.27 15.51 -10.15
C LEU A 5 -3.66 15.97 -8.84
N PRO A 6 -4.33 15.76 -7.71
CA PRO A 6 -3.68 16.00 -6.42
C PRO A 6 -2.58 14.97 -6.20
N GLY A 7 -1.80 15.20 -5.15
CA GLY A 7 -0.76 14.25 -4.77
C GLY A 7 -1.37 12.95 -4.30
N LEU A 8 -1.04 11.86 -4.95
CA LEU A 8 -1.67 10.59 -4.64
C LEU A 8 -0.93 9.88 -3.51
N ILE A 9 -1.67 9.04 -2.79
CA ILE A 9 -1.23 8.39 -1.56
C ILE A 9 -1.35 6.89 -1.75
N ASP A 10 -0.26 6.17 -1.48
CA ASP A 10 -0.25 4.71 -1.46
C ASP A 10 -0.07 4.24 0.00
N VAL A 11 -1.13 3.66 0.56
CA VAL A 11 -1.12 3.29 1.97
C VAL A 11 -0.53 1.91 2.24
N HIS A 12 0.10 1.27 1.23
CA HIS A 12 0.64 -0.07 1.44
C HIS A 12 1.86 -0.31 0.54
N VAL A 13 3.05 0.03 1.05
CA VAL A 13 4.26 -0.24 0.32
C VAL A 13 5.29 -0.91 1.23
N HIS A 14 6.18 -1.67 0.62
CA HIS A 14 7.32 -2.29 1.27
C HIS A 14 8.59 -1.67 0.70
N LEU A 15 9.31 -0.93 1.53
CA LEU A 15 10.50 -0.24 1.07
C LEU A 15 11.81 -0.92 1.49
N ARG A 16 11.72 -2.01 2.26
CA ARG A 16 12.78 -2.98 2.50
C ARG A 16 13.95 -2.48 3.32
N GLU A 17 13.98 -1.27 3.66
CA GLU A 17 15.03 -0.69 4.50
C GLU A 17 14.48 -0.46 5.90
N PRO A 18 15.07 -0.97 6.97
CA PRO A 18 16.36 -1.67 7.05
C PRO A 18 16.31 -3.14 6.64
N GLY A 19 17.43 -3.66 6.12
CA GLY A 19 17.71 -5.07 6.15
C GLY A 19 17.51 -5.82 4.85
N GLY A 20 16.84 -5.24 3.87
CA GLY A 20 16.63 -5.90 2.60
C GLY A 20 16.97 -4.99 1.45
N THR A 21 18.03 -4.19 1.60
CA THR A 21 18.21 -3.05 0.70
C THR A 21 18.69 -3.43 -0.71
N HIS A 22 19.04 -4.70 -0.96
CA HIS A 22 19.24 -5.15 -2.33
C HIS A 22 17.93 -5.24 -3.10
N LYS A 23 16.80 -5.35 -2.38
CA LYS A 23 15.51 -5.43 -3.03
C LYS A 23 14.95 -4.06 -3.38
N GLU A 24 15.28 -3.07 -2.56
CA GLU A 24 14.70 -1.73 -2.57
C GLU A 24 15.29 -1.01 -1.38
N ASP A 25 15.40 0.32 -1.42
CA ASP A 25 15.58 1.08 -0.19
C ASP A 25 14.69 2.32 -0.23
N PHE A 26 14.76 3.16 0.79
CA PHE A 26 13.88 4.32 0.79
C PHE A 26 14.09 5.18 -0.45
N ALA A 27 15.36 5.37 -0.85
CA ALA A 27 15.65 6.24 -1.99
C ALA A 27 15.11 5.67 -3.30
N SER A 28 15.28 4.36 -3.52
CA SER A 28 14.83 3.80 -4.79
C SER A 28 13.32 3.62 -4.81
N GLY A 29 12.75 3.22 -3.67
CA GLY A 29 11.33 2.96 -3.61
C GLY A 29 10.52 4.24 -3.73
N THR A 30 11.03 5.34 -3.16
CA THR A 30 10.30 6.61 -3.27
C THR A 30 10.54 7.29 -4.62
N ALA A 31 11.67 7.02 -5.27
CA ALA A 31 11.80 7.36 -6.68
C ALA A 31 10.74 6.64 -7.50
N ALA A 32 10.56 5.34 -7.27
CA ALA A 32 9.49 4.58 -7.92
C ALA A 32 8.12 5.19 -7.64
N ALA A 33 7.88 5.60 -6.39
CA ALA A 33 6.62 6.23 -6.05
C ALA A 33 6.39 7.50 -6.88
N LEU A 34 7.36 8.41 -6.89
CA LEU A 34 7.17 9.67 -7.62
C LEU A 34 6.93 9.40 -9.10
N ALA A 35 7.67 8.44 -9.67
CA ALA A 35 7.47 8.12 -11.08
C ALA A 35 6.09 7.54 -11.35
N GLY A 36 5.45 6.98 -10.35
CA GLY A 36 4.09 6.52 -10.43
C GLY A 36 3.05 7.53 -10.00
N GLY A 37 3.42 8.80 -9.80
CA GLY A 37 2.50 9.84 -9.40
C GLY A 37 2.09 9.81 -7.94
N ILE A 38 2.85 9.12 -7.09
CA ILE A 38 2.57 8.95 -5.67
C ILE A 38 3.49 9.88 -4.89
N THR A 39 2.90 10.77 -4.05
CA THR A 39 3.69 11.75 -3.29
C THR A 39 3.76 11.45 -1.81
N MET A 40 3.03 10.43 -1.34
CA MET A 40 3.01 10.02 0.05
C MET A 40 2.85 8.51 0.08
N VAL A 41 3.65 7.82 0.89
CA VAL A 41 3.56 6.38 1.04
C VAL A 41 3.52 6.01 2.51
N CYS A 42 2.85 4.90 2.82
CA CYS A 42 2.84 4.33 4.16
C CYS A 42 3.58 3.00 4.08
N ALA A 43 4.69 2.90 4.82
CA ALA A 43 5.65 1.80 4.67
C ALA A 43 5.41 0.72 5.71
N MET A 44 5.30 -0.52 5.25
CA MET A 44 4.97 -1.64 6.12
C MET A 44 6.16 -2.06 6.98
N PRO A 45 5.89 -2.75 8.08
CA PRO A 45 6.92 -2.96 9.13
C PRO A 45 7.67 -4.28 9.08
N ASN A 46 7.51 -5.08 8.03
CA ASN A 46 8.13 -6.40 7.95
C ASN A 46 9.55 -6.35 7.38
N THR A 47 10.35 -5.42 7.92
CA THR A 47 11.75 -5.22 7.57
C THR A 47 12.63 -6.09 8.48
N ARG A 48 13.95 -5.93 8.39
CA ARG A 48 14.91 -6.64 9.25
C ARG A 48 15.90 -5.63 9.84
N PRO A 49 15.74 -5.26 11.12
CA PRO A 49 14.77 -5.73 12.11
C PRO A 49 13.35 -5.27 11.79
N PRO A 50 12.32 -6.01 12.18
CA PRO A 50 10.95 -5.54 11.97
C PRO A 50 10.61 -4.39 12.91
N ILE A 51 9.67 -3.55 12.46
CA ILE A 51 9.36 -2.31 13.19
C ILE A 51 8.29 -2.69 14.21
N ILE A 52 8.73 -3.29 15.32
CA ILE A 52 7.83 -3.82 16.33
C ILE A 52 8.10 -3.31 17.74
N ASP A 53 8.99 -2.34 17.86
N ASP A 53 8.96 -2.30 17.83
CA ASP A 53 9.20 -1.66 19.14
CA ASP A 53 9.32 -1.70 19.12
C ASP A 53 9.79 -0.28 18.89
C ASP A 53 9.83 -0.29 18.89
N ALA A 54 9.92 0.49 19.96
CA ALA A 54 10.36 1.87 19.83
C ALA A 54 11.75 2.00 19.25
N PRO A 55 12.75 1.19 19.64
CA PRO A 55 14.09 1.35 19.04
C PRO A 55 14.11 1.07 17.55
N ALA A 56 13.36 0.06 17.10
CA ALA A 56 13.29 -0.19 15.66
C ALA A 56 12.60 0.94 14.91
N LEU A 57 11.52 1.50 15.49
CA LEU A 57 10.85 2.62 14.87
C LEU A 57 11.78 3.83 14.77
N ALA A 58 12.54 4.10 15.82
CA ALA A 58 13.47 5.23 15.79
C ALA A 58 14.50 5.07 14.68
N LEU A 59 15.06 3.86 14.52
CA LEU A 59 15.98 3.59 13.44
C LEU A 59 15.32 3.82 12.09
N ALA A 60 14.14 3.24 11.91
CA ALA A 60 13.48 3.38 10.62
C ALA A 60 13.13 4.83 10.31
N GLN A 61 12.75 5.61 11.32
CA GLN A 61 12.44 7.02 11.13
C GLN A 61 13.63 7.78 10.56
N LYS A 62 14.83 7.53 11.10
CA LYS A 62 16.00 8.24 10.60
C LYS A 62 16.41 7.74 9.22
N LEU A 63 16.34 6.44 9.00
CA LEU A 63 16.62 5.94 7.66
C LEU A 63 15.67 6.54 6.63
N ALA A 64 14.39 6.63 6.95
CA ALA A 64 13.43 7.21 6.01
C ALA A 64 13.65 8.71 5.84
N GLU A 65 13.91 9.43 6.92
CA GLU A 65 14.15 10.86 6.77
C GLU A 65 15.39 11.14 5.93
N ALA A 66 16.37 10.24 5.96
CA ALA A 66 17.60 10.46 5.20
C ALA A 66 17.49 9.98 3.75
N GLY A 67 16.62 9.00 3.48
CA GLY A 67 16.55 8.40 2.17
C GLY A 67 15.31 8.68 1.34
N ALA A 68 14.19 8.99 2.00
CA ALA A 68 12.95 9.18 1.27
C ALA A 68 13.00 10.44 0.41
N ARG A 69 12.44 10.33 -0.81
CA ARG A 69 12.29 11.45 -1.73
C ARG A 69 10.87 12.01 -1.75
N CYS A 70 9.89 11.23 -1.33
CA CYS A 70 8.53 11.70 -1.10
C CYS A 70 8.20 11.56 0.38
N ASP A 71 7.05 12.10 0.77
CA ASP A 71 6.66 12.06 2.17
C ASP A 71 6.13 10.68 2.53
N PHE A 72 6.12 10.40 3.83
CA PHE A 72 5.84 9.05 4.27
C PHE A 72 5.28 9.03 5.71
N ALA A 73 4.68 7.90 6.03
CA ALA A 73 4.40 7.51 7.39
C ALA A 73 4.81 6.06 7.52
N LEU A 74 5.23 5.66 8.72
CA LEU A 74 5.72 4.31 8.96
C LEU A 74 4.76 3.52 9.85
N PHE A 75 4.35 2.34 9.39
CA PHE A 75 3.56 1.45 10.23
C PHE A 75 4.41 0.81 11.32
N LEU A 76 3.78 0.57 12.47
CA LEU A 76 4.24 -0.41 13.45
C LEU A 76 3.62 -1.77 13.14
N GLY A 77 4.32 -2.84 13.50
CA GLY A 77 3.80 -4.19 13.34
C GLY A 77 3.46 -4.84 14.68
N ALA A 78 2.34 -5.54 14.70
CA ALA A 78 1.97 -6.33 15.86
C ALA A 78 2.81 -7.60 15.92
N SER A 79 3.23 -7.95 17.12
CA SER A 79 3.96 -9.19 17.33
C SER A 79 3.30 -9.98 18.45
N SER A 80 3.81 -11.19 18.69
CA SER A 80 3.33 -12.00 19.79
C SER A 80 3.79 -11.48 21.14
N GLU A 81 4.56 -10.40 21.19
CA GLU A 81 5.12 -9.94 22.45
C GLU A 81 4.85 -8.48 22.78
N ASN A 82 4.39 -7.67 21.82
CA ASN A 82 4.40 -6.22 22.02
C ASN A 82 3.05 -5.60 22.28
N ALA A 83 1.97 -6.39 22.41
CA ALA A 83 0.69 -5.79 22.80
C ALA A 83 0.83 -5.12 24.16
N GLY A 84 0.31 -3.90 24.26
CA GLY A 84 0.39 -3.15 25.49
C GLY A 84 1.68 -2.41 25.70
N THR A 85 2.59 -2.44 24.73
CA THR A 85 3.89 -1.81 24.91
C THR A 85 4.12 -0.65 23.95
N LEU A 86 3.20 -0.39 23.02
CA LEU A 86 3.44 0.60 21.97
C LEU A 86 2.77 1.95 22.24
N GLY A 87 2.23 2.14 23.45
CA GLY A 87 1.37 3.30 23.68
C GLY A 87 2.08 4.64 23.51
N THR A 88 3.36 4.71 23.88
CA THR A 88 4.07 5.98 23.80
C THR A 88 4.49 6.34 22.38
N VAL A 89 4.62 5.37 21.47
CA VAL A 89 5.01 5.65 20.10
C VAL A 89 3.87 5.44 19.09
N ALA A 90 2.71 4.95 19.54
CA ALA A 90 1.65 4.61 18.60
C ALA A 90 1.24 5.79 17.73
N GLY A 91 1.11 6.98 18.32
CA GLY A 91 0.66 8.14 17.57
C GLY A 91 1.63 8.62 16.51
N SER A 92 2.88 8.16 16.58
CA SER A 92 3.88 8.55 15.60
CA SER A 92 3.91 8.53 15.61
C SER A 92 3.88 7.66 14.37
N ALA A 93 3.09 6.59 14.38
CA ALA A 93 3.07 5.64 13.28
C ALA A 93 1.89 5.91 12.36
N ALA A 94 1.99 5.39 11.13
CA ALA A 94 0.83 5.36 10.25
C ALA A 94 -0.35 4.66 10.91
N GLY A 95 -0.05 3.58 11.65
CA GLY A 95 -1.07 2.69 12.17
C GLY A 95 -0.36 1.44 12.64
N LEU A 96 -1.18 0.45 13.05
CA LEU A 96 -0.69 -0.86 13.45
C LEU A 96 -1.08 -1.88 12.38
N KCX A 97 -0.10 -2.65 11.90
CA KCX A 97 -0.30 -3.73 10.95
CB KCX A 97 0.79 -3.72 9.86
CG KCX A 97 0.77 -4.93 8.89
CD KCX A 97 -0.41 -4.87 7.93
CE KCX A 97 -0.43 -5.96 6.85
NZ KCX A 97 0.75 -5.78 5.95
C KCX A 97 -0.30 -5.09 11.63
O KCX A 97 0.65 -5.42 12.31
CX KCX A 97 0.96 -6.45 4.83
OQ1 KCX A 97 2.03 -6.24 4.18
OQ2 KCX A 97 0.09 -7.30 4.46
HA KCX A 97 -1.06 -3.61 10.58
HB2 KCX A 97 1.54 -3.71 10.24
HB3 KCX A 97 0.69 -3.02 9.39
HG2 KCX A 97 0.71 -5.64 9.35
HG3 KCX A 97 1.49 -4.92 8.43
HD2 KCX A 97 -0.41 -4.12 7.53
HD3 KCX A 97 -1.14 -4.96 8.37
HE2 KCX A 97 -1.13 -5.89 6.38
HE3 KCX A 97 -0.38 -6.72 7.21
HZ KCX A 97 1.33 -5.21 6.18
N LEU A 98 -1.35 -5.86 11.37
CA LEU A 98 -1.44 -7.26 11.82
C LEU A 98 -1.25 -8.19 10.65
N TYR A 99 -0.32 -9.14 10.77
CA TYR A 99 -0.12 -10.22 9.80
C TYR A 99 -0.84 -11.45 10.34
N LEU A 100 -1.97 -11.79 9.71
CA LEU A 100 -2.81 -12.86 10.23
C LEU A 100 -2.78 -14.15 9.40
N ASN A 101 -2.04 -14.15 8.28
CA ASN A 101 -1.84 -15.32 7.43
C ASN A 101 -0.37 -15.46 7.05
N GLU A 102 -0.03 -16.59 6.42
CA GLU A 102 1.33 -16.84 5.95
C GLU A 102 1.67 -15.95 4.76
N THR A 103 2.81 -15.26 4.85
CA THR A 103 3.26 -14.36 3.79
C THR A 103 4.72 -14.04 4.08
N PHE A 104 5.27 -13.02 3.42
CA PHE A 104 6.65 -12.60 3.61
C PHE A 104 6.74 -11.80 4.91
N SER A 105 6.74 -12.52 6.02
CA SER A 105 6.83 -11.88 7.33
C SER A 105 7.09 -12.96 8.36
N GLU A 106 7.75 -12.57 9.45
CA GLU A 106 7.92 -13.41 10.63
C GLU A 106 6.95 -13.05 11.75
N LEU A 107 6.06 -12.05 11.53
CA LEU A 107 5.23 -11.43 12.56
C LEU A 107 3.98 -12.23 12.89
N ARG A 108 4.18 -13.53 12.96
CA ARG A 108 3.12 -14.50 13.13
C ARG A 108 2.42 -14.31 14.46
N LEU A 109 1.10 -14.19 14.42
CA LEU A 109 0.26 -14.25 15.59
C LEU A 109 -0.38 -15.64 15.57
N ASP A 110 -0.17 -16.41 16.64
CA ASP A 110 -0.59 -17.80 16.67
C ASP A 110 -2.00 -18.00 17.19
N SER A 111 -2.61 -16.96 17.74
CA SER A 111 -3.89 -17.14 18.41
C SER A 111 -4.75 -15.91 18.24
N VAL A 112 -6.06 -16.12 18.08
CA VAL A 112 -6.97 -14.99 17.97
C VAL A 112 -6.94 -14.17 19.24
N VAL A 113 -6.57 -14.78 20.36
CA VAL A 113 -6.49 -14.02 21.61
C VAL A 113 -5.43 -12.93 21.51
N GLN A 114 -4.35 -13.20 20.78
CA GLN A 114 -3.35 -12.16 20.55
C GLN A 114 -3.90 -11.02 19.70
N TRP A 115 -4.77 -11.34 18.73
CA TRP A 115 -5.42 -10.29 17.97
C TRP A 115 -6.27 -9.44 18.90
N MET A 116 -7.05 -10.09 19.77
CA MET A 116 -7.88 -9.36 20.71
CA MET A 116 -7.89 -9.37 20.72
C MET A 116 -7.04 -8.45 21.60
N GLU A 117 -5.91 -8.95 22.09
CA GLU A 117 -5.05 -8.14 22.95
C GLU A 117 -4.57 -6.88 22.22
N HIS A 118 -4.23 -7.01 20.94
CA HIS A 118 -3.82 -5.81 20.20
C HIS A 118 -4.97 -4.84 20.00
N PHE A 119 -6.18 -5.34 19.70
CA PHE A 119 -7.31 -4.45 19.51
C PHE A 119 -7.70 -3.75 20.82
N GLU A 120 -7.43 -4.40 21.95
CA GLU A 120 -7.76 -3.85 23.26
C GLU A 120 -6.76 -2.82 23.73
N THR A 121 -5.48 -2.97 23.35
CA THR A 121 -4.41 -2.13 23.88
C THR A 121 -3.96 -1.01 22.95
N TRP A 122 -3.98 -1.23 21.65
CA TRP A 122 -3.67 -0.18 20.69
C TRP A 122 -4.65 0.97 20.88
N PRO A 123 -4.20 2.23 20.84
CA PRO A 123 -5.14 3.33 21.09
C PRO A 123 -6.31 3.31 20.12
N SER A 124 -7.53 3.50 20.65
CA SER A 124 -8.71 3.20 19.85
C SER A 124 -8.92 4.18 18.70
N HIS A 125 -8.30 5.35 18.74
CA HIS A 125 -8.45 6.35 17.68
C HIS A 125 -7.46 6.16 16.54
N LEU A 126 -6.54 5.21 16.67
CA LEU A 126 -5.50 5.08 15.65
C LEU A 126 -5.77 3.90 14.72
N PRO A 127 -5.30 3.97 13.47
CA PRO A 127 -5.62 2.92 12.50
C PRO A 127 -5.05 1.56 12.85
N ILE A 128 -5.84 0.53 12.54
CA ILE A 128 -5.40 -0.87 12.50
C ILE A 128 -5.71 -1.41 11.11
N VAL A 129 -4.70 -2.02 10.50
CA VAL A 129 -4.86 -2.65 9.20
C VAL A 129 -4.43 -4.10 9.33
N ALA A 130 -5.04 -4.98 8.53
CA ALA A 130 -4.79 -6.41 8.65
C ALA A 130 -4.57 -7.06 7.30
N HIS A 131 -3.53 -7.89 7.23
CA HIS A 131 -3.42 -8.93 6.21
C HIS A 131 -4.31 -10.07 6.68
N ALA A 132 -5.44 -10.23 6.02
CA ALA A 132 -6.48 -11.14 6.46
C ALA A 132 -7.17 -11.71 5.22
N GLU A 133 -6.91 -12.97 4.90
CA GLU A 133 -7.42 -13.61 3.70
C GLU A 133 -8.57 -14.56 4.00
N GLN A 134 -9.53 -14.59 3.08
CA GLN A 134 -10.63 -15.56 3.08
C GLN A 134 -11.32 -15.51 4.45
N GLN A 135 -11.48 -16.62 5.16
CA GLN A 135 -12.21 -16.58 6.41
C GLN A 135 -11.56 -15.70 7.47
N THR A 136 -10.26 -15.41 7.33
CA THR A 136 -9.62 -14.53 8.28
C THR A 136 -10.23 -13.13 8.25
N VAL A 137 -10.79 -12.71 7.11
CA VAL A 137 -11.50 -11.43 7.09
C VAL A 137 -12.65 -11.46 8.07
N ALA A 138 -13.45 -12.54 8.04
CA ALA A 138 -14.58 -12.64 8.96
C ALA A 138 -14.10 -12.71 10.40
N ALA A 139 -13.02 -13.46 10.65
CA ALA A 139 -12.52 -13.59 12.01
C ALA A 139 -12.04 -12.24 12.55
N VAL A 140 -11.27 -11.48 11.77
CA VAL A 140 -10.76 -10.21 12.31
C VAL A 140 -11.89 -9.19 12.46
N LEU A 141 -12.91 -9.27 11.60
CA LEU A 141 -14.09 -8.43 11.77
C LEU A 141 -14.79 -8.75 13.08
N MET A 142 -14.82 -10.03 13.46
CA MET A 142 -15.43 -10.38 14.73
C MET A 142 -14.63 -9.80 15.89
N VAL A 143 -13.30 -9.86 15.82
CA VAL A 143 -12.51 -9.28 16.88
C VAL A 143 -12.74 -7.77 16.96
N ALA A 144 -12.84 -7.10 15.81
CA ALA A 144 -13.12 -5.66 15.82
C ALA A 144 -14.46 -5.36 16.47
N GLN A 145 -15.49 -6.21 16.26
CA GLN A 145 -16.77 -5.92 16.88
C GLN A 145 -16.72 -6.16 18.38
N LEU A 146 -16.03 -7.23 18.80
CA LEU A 146 -15.95 -7.54 20.22
C LEU A 146 -15.26 -6.41 20.96
N THR A 147 -14.31 -5.74 20.32
CA THR A 147 -13.59 -4.62 20.92
C THR A 147 -14.17 -3.27 20.50
N GLN A 148 -15.26 -3.26 19.73
CA GLN A 148 -16.02 -2.05 19.41
CA GLN A 148 -16.05 -2.10 19.29
C GLN A 148 -15.19 -1.00 18.66
N ARG A 149 -14.46 -1.40 17.62
CA ARG A 149 -13.68 -0.44 16.86
C ARG A 149 -13.60 -0.85 15.39
N SER A 150 -12.92 -0.02 14.61
CA SER A 150 -12.81 -0.20 13.17
C SER A 150 -11.61 -1.08 12.81
N VAL A 151 -11.63 -1.57 11.57
CA VAL A 151 -10.49 -2.26 10.98
C VAL A 151 -10.48 -2.01 9.47
N HIS A 152 -9.28 -1.98 8.92
CA HIS A 152 -9.03 -1.82 7.50
C HIS A 152 -8.43 -3.10 6.95
N ILE A 153 -9.01 -3.66 5.89
CA ILE A 153 -8.52 -4.91 5.31
C ILE A 153 -7.60 -4.61 4.15
N CYS A 154 -6.36 -5.11 4.22
CA CYS A 154 -5.39 -4.92 3.17
C CYS A 154 -5.69 -5.84 1.98
N HIS A 155 -5.15 -5.45 0.82
CA HIS A 155 -5.20 -6.19 -0.45
C HIS A 155 -6.29 -7.24 -0.52
N VAL A 156 -7.52 -6.79 -0.70
CA VAL A 156 -8.63 -7.72 -0.91
C VAL A 156 -8.53 -8.26 -2.33
N ALA A 157 -8.63 -9.59 -2.48
CA ALA A 157 -8.28 -10.25 -3.72
C ALA A 157 -9.32 -11.21 -4.27
N ARG A 158 -10.41 -11.47 -3.54
CA ARG A 158 -11.30 -12.55 -3.85
C ARG A 158 -12.75 -12.09 -3.80
N LYS A 159 -13.59 -12.75 -4.61
CA LYS A 159 -15.03 -12.54 -4.53
C LYS A 159 -15.54 -12.78 -3.11
N GLU A 160 -15.10 -13.88 -2.51
CA GLU A 160 -15.49 -14.21 -1.14
C GLU A 160 -15.25 -13.04 -0.19
N GLU A 161 -14.10 -12.39 -0.33
CA GLU A 161 -13.70 -11.34 0.61
C GLU A 161 -14.51 -10.06 0.39
N ILE A 162 -14.64 -9.65 -0.87
CA ILE A 162 -15.33 -8.38 -1.12
C ILE A 162 -16.80 -8.51 -0.80
N LEU A 163 -17.40 -9.69 -1.00
CA LEU A 163 -18.80 -9.86 -0.64
C LEU A 163 -19.01 -9.90 0.87
N LEU A 164 -18.07 -10.49 1.61
CA LEU A 164 -18.15 -10.44 3.07
C LEU A 164 -18.08 -9.00 3.56
N ILE A 165 -17.14 -8.23 3.00
CA ILE A 165 -17.01 -6.84 3.43
C ILE A 165 -18.25 -6.05 3.03
N LYS A 166 -18.81 -6.33 1.86
CA LYS A 166 -20.04 -5.69 1.43
C LYS A 166 -21.16 -5.95 2.42
N ALA A 167 -21.29 -7.19 2.88
CA ALA A 167 -22.35 -7.54 3.83
C ALA A 167 -22.12 -6.84 5.17
N ALA A 168 -20.86 -6.75 5.61
CA ALA A 168 -20.57 -6.03 6.85
C ALA A 168 -20.90 -4.54 6.72
N LYS A 169 -20.59 -3.92 5.59
CA LYS A 169 -20.91 -2.50 5.41
C LYS A 169 -22.41 -2.27 5.41
N ALA A 170 -23.18 -3.21 4.85
CA ALA A 170 -24.62 -3.09 4.83
C ALA A 170 -25.20 -3.12 6.24
N ARG A 171 -24.53 -3.80 7.18
N ARG A 171 -24.52 -3.79 7.17
CA ARG A 171 -24.95 -3.82 8.57
CA ARG A 171 -24.94 -3.82 8.57
C ARG A 171 -24.43 -2.63 9.37
C ARG A 171 -24.38 -2.66 9.38
N GLY A 172 -23.76 -1.68 8.71
CA GLY A 172 -23.23 -0.53 9.40
C GLY A 172 -21.94 -0.73 10.17
N LEU A 173 -21.20 -1.80 9.90
CA LEU A 173 -19.99 -2.05 10.65
C LEU A 173 -18.82 -1.19 10.13
N PRO A 174 -17.96 -0.71 11.02
CA PRO A 174 -16.86 0.16 10.58
C PRO A 174 -15.68 -0.63 10.02
N VAL A 175 -15.76 -0.94 8.74
CA VAL A 175 -14.71 -1.63 8.03
C VAL A 175 -14.46 -0.91 6.72
N THR A 176 -13.18 -0.78 6.38
CA THR A 176 -12.77 -0.27 5.08
C THR A 176 -11.80 -1.28 4.46
N CYS A 177 -11.50 -1.09 3.18
CA CYS A 177 -10.62 -2.03 2.51
C CYS A 177 -9.91 -1.37 1.33
N GLU A 178 -8.84 -2.03 0.88
CA GLU A 178 -8.08 -1.62 -0.28
C GLU A 178 -7.92 -2.82 -1.21
N VAL A 179 -7.65 -2.51 -2.47
CA VAL A 179 -7.40 -3.50 -3.50
C VAL A 179 -6.15 -3.10 -4.28
N ALA A 180 -5.30 -4.10 -4.62
CA ALA A 180 -4.05 -3.86 -5.31
C ALA A 180 -4.22 -4.12 -6.80
N PRO A 181 -3.41 -3.48 -7.64
CA PRO A 181 -3.66 -3.55 -9.08
C PRO A 181 -3.52 -4.95 -9.64
N HIS A 182 -2.63 -5.77 -9.10
CA HIS A 182 -2.50 -7.10 -9.67
C HIS A 182 -3.77 -7.95 -9.49
N HIS A 183 -4.62 -7.65 -8.50
CA HIS A 183 -5.84 -8.41 -8.31
C HIS A 183 -7.00 -7.85 -9.14
N LEU A 184 -6.75 -6.74 -9.84
CA LEU A 184 -7.69 -6.19 -10.83
C LEU A 184 -7.28 -6.44 -12.27
N PHE A 185 -6.00 -6.69 -12.54
CA PHE A 185 -5.47 -6.74 -13.90
C PHE A 185 -4.75 -8.04 -14.23
N LEU A 186 -4.56 -8.93 -13.26
CA LEU A 186 -3.99 -10.24 -13.47
C LEU A 186 -4.87 -11.30 -12.83
N SER A 187 -4.73 -12.52 -13.33
CA SER A 187 -5.55 -13.61 -12.85
C SER A 187 -4.82 -14.92 -13.08
N HIS A 188 -5.50 -16.03 -12.76
CA HIS A 188 -4.98 -17.35 -13.05
C HIS A 188 -4.52 -17.50 -14.49
N ASP A 189 -5.19 -16.81 -15.42
CA ASP A 189 -4.84 -16.87 -16.83
C ASP A 189 -3.42 -16.41 -17.10
N ASP A 190 -2.82 -15.67 -16.17
CA ASP A 190 -1.47 -15.17 -16.36
C ASP A 190 -0.39 -16.03 -15.76
N LEU A 191 -0.75 -17.10 -15.03
CA LEU A 191 0.27 -17.88 -14.33
C LEU A 191 1.15 -18.68 -15.29
N GLU A 192 0.62 -19.07 -16.45
CA GLU A 192 1.46 -19.75 -17.43
C GLU A 192 2.58 -18.85 -17.93
N ARG A 193 2.24 -17.61 -18.28
CA ARG A 193 3.25 -16.66 -18.73
C ARG A 193 4.25 -16.34 -17.60
N LEU A 194 3.73 -16.06 -16.40
CA LEU A 194 4.59 -15.63 -15.29
C LEU A 194 5.51 -16.75 -14.80
N GLY A 195 5.00 -17.98 -14.80
CA GLY A 195 5.68 -19.08 -14.15
C GLY A 195 5.40 -19.11 -12.66
N PRO A 196 5.78 -20.21 -12.02
CA PRO A 196 5.41 -20.43 -10.62
C PRO A 196 6.23 -19.60 -9.64
N GLY A 197 7.39 -19.10 -10.05
CA GLY A 197 8.17 -18.27 -9.15
C GLY A 197 7.73 -16.82 -9.17
N LYS A 198 7.82 -16.20 -10.36
CA LYS A 198 7.36 -14.83 -10.54
C LYS A 198 5.91 -14.68 -10.10
N GLY A 199 5.08 -15.69 -10.33
CA GLY A 199 3.67 -15.63 -10.00
C GLY A 199 3.35 -15.73 -8.53
N GLU A 200 4.33 -15.96 -7.68
CA GLU A 200 4.03 -16.07 -6.26
C GLU A 200 3.74 -14.70 -5.66
N VAL A 201 2.59 -14.61 -5.00
CA VAL A 201 2.16 -13.38 -4.33
C VAL A 201 1.12 -13.77 -3.30
N ARG A 202 0.96 -12.94 -2.27
CA ARG A 202 -0.06 -13.17 -1.26
C ARG A 202 -0.87 -11.89 -1.11
N PRO A 203 -2.19 -11.95 -1.20
CA PRO A 203 -3.03 -13.06 -1.65
C PRO A 203 -2.64 -13.51 -3.04
N GLU A 204 -2.76 -14.80 -3.31
CA GLU A 204 -2.44 -15.32 -4.64
C GLU A 204 -3.35 -14.71 -5.69
N LEU A 205 -2.91 -14.78 -6.95
CA LEU A 205 -3.77 -14.32 -8.03
C LEU A 205 -5.07 -15.10 -8.02
N GLY A 206 -6.17 -14.39 -8.33
CA GLY A 206 -7.50 -14.97 -8.32
C GLY A 206 -7.94 -15.48 -9.68
N SER A 207 -9.13 -16.10 -9.66
CA SER A 207 -9.76 -16.52 -10.89
C SER A 207 -10.31 -15.30 -11.63
N ARG A 208 -10.71 -15.52 -12.88
CA ARG A 208 -11.41 -14.48 -13.62
C ARG A 208 -12.70 -14.06 -12.90
N GLN A 209 -13.36 -14.99 -12.20
CA GLN A 209 -14.53 -14.62 -11.39
C GLN A 209 -14.17 -13.73 -10.22
N ASP A 210 -13.02 -13.96 -9.57
CA ASP A 210 -12.57 -13.07 -8.50
C ASP A 210 -12.33 -11.65 -9.03
N VAL A 211 -11.60 -11.56 -10.15
CA VAL A 211 -11.31 -10.24 -10.72
C VAL A 211 -12.61 -9.53 -11.10
N GLU A 212 -13.54 -10.25 -11.73
CA GLU A 212 -14.78 -9.62 -12.16
C GLU A 212 -15.60 -9.15 -10.95
N ALA A 213 -15.56 -9.91 -9.85
CA ALA A 213 -16.31 -9.53 -8.65
C ALA A 213 -15.74 -8.26 -8.02
N LEU A 214 -14.43 -8.08 -8.05
CA LEU A 214 -13.86 -6.85 -7.52
C LEU A 214 -14.31 -5.65 -8.34
N TRP A 215 -14.23 -5.75 -9.67
CA TRP A 215 -14.69 -4.64 -10.52
C TRP A 215 -16.18 -4.37 -10.32
N GLU A 216 -17.00 -5.43 -10.28
CA GLU A 216 -18.43 -5.26 -10.09
C GLU A 216 -18.74 -4.59 -8.75
N ASN A 217 -17.91 -4.82 -7.74
CA ASN A 217 -18.12 -4.28 -6.42
C ASN A 217 -17.20 -3.12 -6.12
N MET A 218 -16.87 -2.33 -7.13
CA MET A 218 -16.00 -1.17 -6.92
C MET A 218 -16.52 -0.26 -5.81
N ALA A 219 -17.84 -0.16 -5.66
CA ALA A 219 -18.39 0.73 -4.65
C ALA A 219 -17.98 0.33 -3.23
N VAL A 220 -17.62 -0.95 -3.05
CA VAL A 220 -17.17 -1.47 -1.75
C VAL A 220 -15.70 -1.19 -1.49
N ILE A 221 -14.92 -0.87 -2.52
CA ILE A 221 -13.47 -0.67 -2.41
C ILE A 221 -13.20 0.76 -2.00
N ASP A 222 -12.59 0.96 -0.82
CA ASP A 222 -12.33 2.32 -0.35
C ASP A 222 -11.05 2.89 -0.96
N CYS A 223 -10.03 2.05 -1.13
CA CYS A 223 -8.71 2.53 -1.55
C CYS A 223 -8.12 1.58 -2.59
N PHE A 224 -7.28 2.12 -3.45
CA PHE A 224 -6.32 1.32 -4.20
C PHE A 224 -4.98 1.46 -3.46
N ALA A 225 -4.20 0.40 -3.39
CA ALA A 225 -2.89 0.50 -2.78
C ALA A 225 -2.04 -0.57 -3.45
N SER A 226 -0.77 -0.28 -3.73
CA SER A 226 -0.02 -1.17 -4.62
C SER A 226 0.38 -2.52 -3.96
N ASP A 227 0.57 -2.55 -2.64
CA ASP A 227 1.33 -3.61 -1.98
C ASP A 227 2.63 -3.84 -2.75
N HIS A 228 3.31 -2.72 -3.02
CA HIS A 228 4.63 -2.74 -3.65
C HIS A 228 5.53 -3.63 -2.83
N ALA A 229 5.95 -4.78 -3.38
CA ALA A 229 6.61 -5.83 -2.61
C ALA A 229 7.80 -6.33 -3.40
N PRO A 230 8.85 -5.54 -3.46
CA PRO A 230 9.96 -5.83 -4.36
C PRO A 230 10.86 -6.93 -3.84
N HIS A 231 11.24 -7.81 -4.77
CA HIS A 231 12.23 -8.86 -4.60
C HIS A 231 12.98 -8.92 -5.92
N THR A 232 14.22 -9.38 -5.90
CA THR A 232 14.96 -9.42 -7.16
C THR A 232 14.49 -10.59 -8.02
N LEU A 233 14.81 -10.52 -9.30
CA LEU A 233 14.43 -11.63 -10.18
C LEU A 233 15.08 -12.94 -9.73
N GLU A 234 16.37 -12.89 -9.36
CA GLU A 234 17.05 -14.06 -8.82
C GLU A 234 16.24 -14.70 -7.69
N GLU A 235 15.72 -13.86 -6.79
CA GLU A 235 14.93 -14.38 -5.68
C GLU A 235 13.61 -14.94 -6.16
N LYS A 236 12.94 -14.24 -7.07
CA LYS A 236 11.64 -14.71 -7.56
C LYS A 236 11.76 -16.03 -8.33
N CYS A 237 12.90 -16.27 -8.97
CA CYS A 237 13.06 -17.48 -9.78
C CYS A 237 13.97 -18.53 -9.17
N GLY A 238 14.33 -18.40 -7.90
CA GLY A 238 15.18 -19.35 -7.22
C GLY A 238 14.37 -20.45 -6.56
N SER A 239 15.02 -21.16 -5.61
CA SER A 239 14.42 -22.39 -5.10
C SER A 239 13.28 -22.12 -4.12
N ARG A 240 13.28 -21.00 -3.43
CA ARG A 240 12.21 -20.71 -2.45
C ARG A 240 11.71 -19.31 -2.71
N PRO A 241 10.97 -19.10 -3.79
CA PRO A 241 10.60 -17.72 -4.18
C PRO A 241 9.78 -17.04 -3.11
N PRO A 242 10.13 -15.81 -2.75
CA PRO A 242 9.29 -15.03 -1.83
C PRO A 242 8.09 -14.48 -2.58
N PRO A 243 6.97 -14.31 -1.90
CA PRO A 243 5.78 -13.76 -2.56
C PRO A 243 5.86 -12.24 -2.65
N GLY A 244 5.35 -11.71 -3.75
CA GLY A 244 5.15 -10.27 -3.88
C GLY A 244 5.56 -9.75 -5.24
N PHE A 245 4.92 -8.65 -5.65
CA PHE A 245 5.16 -7.94 -6.90
C PHE A 245 5.57 -6.51 -6.60
N PRO A 246 6.53 -5.95 -7.35
CA PRO A 246 6.69 -4.50 -7.38
C PRO A 246 5.50 -3.88 -8.08
N GLY A 247 5.15 -2.66 -7.70
CA GLY A 247 3.97 -2.06 -8.30
C GLY A 247 3.82 -0.55 -8.29
N LEU A 248 4.70 0.20 -7.61
CA LEU A 248 4.53 1.65 -7.57
C LEU A 248 4.54 2.26 -8.98
N GLU A 249 5.42 1.79 -9.87
CA GLU A 249 5.58 2.47 -11.16
C GLU A 249 4.50 2.08 -12.16
N THR A 250 3.77 1.01 -11.92
CA THR A 250 2.75 0.55 -12.85
C THR A 250 1.32 0.80 -12.37
N MET A 251 1.10 1.14 -11.08
CA MET A 251 -0.26 1.24 -10.56
C MET A 251 -1.08 2.29 -11.31
N LEU A 252 -0.58 3.53 -11.34
CA LEU A 252 -1.39 4.60 -11.90
C LEU A 252 -1.57 4.41 -13.40
N PRO A 253 -0.54 4.04 -14.17
CA PRO A 253 -0.79 3.78 -15.59
C PRO A 253 -1.85 2.70 -15.85
N LEU A 254 -1.83 1.62 -15.08
CA LEU A 254 -2.88 0.61 -15.25
C LEU A 254 -4.25 1.20 -14.98
N LEU A 255 -4.38 1.97 -13.90
CA LEU A 255 -5.70 2.51 -13.54
C LEU A 255 -6.15 3.61 -14.50
N LEU A 256 -5.21 4.42 -15.01
CA LEU A 256 -5.55 5.39 -16.05
C LEU A 256 -6.06 4.70 -17.30
N THR A 257 -5.49 3.55 -17.63
CA THR A 257 -5.96 2.79 -18.78
C THR A 257 -7.40 2.37 -18.57
N ALA A 258 -7.71 1.93 -17.35
CA ALA A 258 -9.09 1.55 -17.02
C ALA A 258 -10.03 2.74 -17.10
N VAL A 259 -9.60 3.92 -16.65
CA VAL A 259 -10.43 5.12 -16.82
C VAL A 259 -10.69 5.36 -18.30
N SER A 260 -9.66 5.21 -19.15
CA SER A 260 -9.84 5.49 -20.58
C SER A 260 -10.77 4.48 -21.22
N GLU A 261 -10.86 3.28 -20.66
CA GLU A 261 -11.78 2.25 -21.13
C GLU A 261 -13.20 2.42 -20.57
N GLY A 262 -13.41 3.35 -19.65
CA GLY A 262 -14.70 3.54 -19.02
C GLY A 262 -15.00 2.58 -17.89
N TRP A 263 -13.99 1.88 -17.37
CA TRP A 263 -14.22 0.91 -16.30
C TRP A 263 -14.47 1.58 -14.97
N LEU A 264 -13.97 2.80 -14.80
CA LEU A 264 -14.23 3.64 -13.64
C LEU A 264 -13.91 5.06 -14.06
N SER A 265 -14.40 6.01 -13.28
CA SER A 265 -14.24 7.43 -13.62
C SER A 265 -12.96 7.98 -12.99
N LEU A 266 -12.59 9.16 -13.43
CA LEU A 266 -11.45 9.83 -12.80
C LEU A 266 -11.74 10.10 -11.33
N ASP A 267 -12.97 10.52 -11.02
CA ASP A 267 -13.34 10.71 -9.61
C ASP A 267 -13.19 9.42 -8.83
N ASP A 268 -13.65 8.29 -9.40
CA ASP A 268 -13.52 7.00 -8.71
C ASP A 268 -12.05 6.76 -8.34
N LEU A 269 -11.16 7.09 -9.27
CA LEU A 269 -9.74 6.91 -9.05
C LEU A 269 -9.23 7.84 -7.96
N LEU A 270 -9.67 9.11 -7.98
CA LEU A 270 -9.16 10.05 -6.98
C LEU A 270 -9.74 9.81 -5.58
N GLN A 271 -10.95 9.30 -5.47
CA GLN A 271 -11.41 8.89 -4.15
C GLN A 271 -10.51 7.81 -3.58
N ARG A 272 -10.09 6.87 -4.41
CA ARG A 272 -9.41 5.68 -3.93
C ARG A 272 -7.90 5.83 -3.83
N LEU A 273 -7.31 6.84 -4.46
CA LEU A 273 -5.87 7.11 -4.33
C LEU A 273 -5.58 8.46 -3.67
N HIS A 274 -6.58 9.13 -3.12
CA HIS A 274 -6.30 10.42 -2.49
C HIS A 274 -7.26 10.63 -1.32
N HIS A 275 -8.55 10.80 -1.58
CA HIS A 275 -9.42 11.26 -0.50
C HIS A 275 -9.64 10.19 0.56
N ASN A 276 -9.89 8.95 0.16
CA ASN A 276 -10.16 7.94 1.17
C ASN A 276 -8.91 7.52 1.93
N PRO A 277 -7.74 7.38 1.30
CA PRO A 277 -6.52 7.23 2.11
C PRO A 277 -6.34 8.33 3.13
N ARG A 278 -6.57 9.59 2.75
CA ARG A 278 -6.43 10.69 3.71
C ARG A 278 -7.32 10.47 4.92
N ARG A 279 -8.60 10.14 4.68
CA ARG A 279 -9.59 10.12 5.73
C ARG A 279 -9.54 8.87 6.60
N ILE A 280 -9.11 7.75 6.05
CA ILE A 280 -9.02 6.53 6.85
C ILE A 280 -7.81 6.59 7.77
N PHE A 281 -6.70 7.13 7.25
CA PHE A 281 -5.44 7.18 7.97
C PHE A 281 -5.15 8.55 8.57
N HIS A 282 -6.04 9.51 8.41
CA HIS A 282 -5.83 10.87 8.96
C HIS A 282 -4.50 11.40 8.48
N LEU A 283 -4.28 11.29 7.19
CA LEU A 283 -3.03 11.79 6.62
C LEU A 283 -3.22 13.24 6.19
N PRO A 284 -2.22 14.09 6.39
CA PRO A 284 -2.40 15.52 6.17
C PRO A 284 -2.33 15.86 4.69
N PRO A 285 -2.87 17.01 4.29
CA PRO A 285 -2.62 17.53 2.94
C PRO A 285 -1.14 17.80 2.77
N GLN A 286 -0.72 17.87 1.50
CA GLN A 286 0.61 18.28 1.09
C GLN A 286 0.45 19.60 0.33
N GLU A 287 0.99 20.69 0.88
CA GLU A 287 0.92 21.99 0.24
C GLU A 287 1.64 21.97 -1.10
N ASP A 288 1.12 22.73 -2.06
CA ASP A 288 1.76 22.94 -3.35
CA ASP A 288 1.79 22.95 -3.33
C ASP A 288 2.30 21.63 -3.93
N THR A 289 1.40 20.65 -4.02
CA THR A 289 1.73 19.30 -4.45
C THR A 289 0.70 18.84 -5.49
N TYR A 290 1.18 18.37 -6.64
CA TYR A 290 0.26 17.89 -7.66
C TYR A 290 1.01 17.05 -8.69
N VAL A 291 0.24 16.34 -9.51
CA VAL A 291 0.73 15.38 -10.47
C VAL A 291 0.09 15.70 -11.81
N GLU A 292 0.88 15.82 -12.86
CA GLU A 292 0.37 16.09 -14.20
C GLU A 292 0.49 14.81 -15.03
N VAL A 293 -0.63 14.35 -15.59
CA VAL A 293 -0.64 13.12 -16.39
C VAL A 293 -1.09 13.44 -17.81
N ASP A 294 -0.58 12.63 -18.74
CA ASP A 294 -0.95 12.63 -20.16
C ASP A 294 -1.82 11.41 -20.36
N LEU A 295 -3.11 11.61 -20.58
CA LEU A 295 -4.04 10.49 -20.68
C LEU A 295 -4.04 9.84 -22.06
N GLU A 296 -3.36 10.45 -23.03
CA GLU A 296 -3.39 10.00 -24.41
C GLU A 296 -2.24 9.08 -24.78
N HIS A 297 -1.16 9.07 -24.01
CA HIS A 297 0.05 8.39 -24.43
C HIS A 297 -0.09 6.86 -24.28
N GLU A 298 0.04 6.15 -25.39
CA GLU A 298 -0.06 4.68 -25.41
C GLU A 298 1.34 4.08 -25.37
N TRP A 299 1.53 3.09 -24.50
CA TRP A 299 2.82 2.44 -24.37
C TRP A 299 2.62 1.04 -23.83
N THR A 300 3.68 0.24 -23.87
CA THR A 300 3.64 -1.15 -23.43
C THR A 300 4.60 -1.30 -22.25
N ILE A 301 4.14 -1.94 -21.19
CA ILE A 301 5.01 -2.07 -20.01
CA ILE A 301 5.00 -2.11 -19.99
C ILE A 301 6.22 -2.94 -20.35
N PRO A 302 7.45 -2.47 -20.09
CA PRO A 302 8.65 -3.24 -20.42
C PRO A 302 8.99 -4.31 -19.40
N SER A 303 10.13 -4.99 -19.58
CA SER A 303 10.46 -6.09 -18.70
C SER A 303 10.89 -5.61 -17.31
N HIS A 304 11.28 -4.35 -17.15
CA HIS A 304 11.48 -3.78 -15.82
C HIS A 304 11.23 -2.28 -15.92
N MET A 305 10.68 -1.70 -14.85
CA MET A 305 10.53 -0.26 -14.77
C MET A 305 11.82 0.40 -14.32
N PRO A 306 12.00 1.69 -14.60
CA PRO A 306 13.30 2.33 -14.37
C PRO A 306 13.83 2.33 -12.93
N PHE A 307 12.99 2.44 -11.90
CA PHE A 307 13.50 2.78 -10.57
C PHE A 307 13.53 1.65 -9.54
N SER A 308 12.50 0.82 -9.44
CA SER A 308 12.50 -0.20 -8.40
C SER A 308 13.70 -1.12 -8.57
N LYS A 309 14.40 -1.41 -7.47
CA LYS A 309 15.50 -2.37 -7.52
C LYS A 309 15.03 -3.81 -7.78
N ALA A 310 13.72 -4.07 -7.73
CA ALA A 310 13.24 -5.40 -8.09
C ALA A 310 13.70 -5.78 -9.49
N HIS A 311 13.72 -4.81 -10.41
CA HIS A 311 14.23 -4.98 -11.77
C HIS A 311 13.47 -6.06 -12.55
N TRP A 312 12.17 -6.18 -12.31
CA TRP A 312 11.27 -7.05 -13.06
C TRP A 312 9.85 -6.52 -12.80
N THR A 313 8.89 -7.00 -13.59
CA THR A 313 7.48 -6.64 -13.30
C THR A 313 6.57 -7.72 -13.85
N PRO A 314 5.52 -8.11 -13.12
CA PRO A 314 4.57 -9.07 -13.68
C PRO A 314 3.68 -8.50 -14.77
N PHE A 315 3.65 -7.19 -14.96
CA PHE A 315 2.81 -6.58 -15.98
C PHE A 315 3.53 -6.43 -17.31
N GLU A 316 4.74 -6.97 -17.46
CA GLU A 316 5.43 -6.90 -18.75
C GLU A 316 4.51 -7.28 -19.89
N GLY A 317 4.49 -6.45 -20.94
CA GLY A 317 3.73 -6.74 -22.13
C GLY A 317 2.33 -6.16 -22.15
N GLN A 318 1.85 -5.66 -21.03
CA GLN A 318 0.51 -5.08 -21.03
C GLN A 318 0.55 -3.72 -21.70
N LYS A 319 -0.46 -3.47 -22.54
CA LYS A 319 -0.64 -2.21 -23.23
C LYS A 319 -1.44 -1.29 -22.32
N VAL A 320 -0.88 -0.11 -22.07
CA VAL A 320 -1.50 0.88 -21.20
C VAL A 320 -1.65 2.18 -21.95
N LYS A 321 -2.51 3.05 -21.41
CA LYS A 321 -2.76 4.36 -21.99
C LYS A 321 -2.85 5.34 -20.83
N GLY A 322 -1.91 6.28 -20.79
CA GLY A 322 -1.79 7.21 -19.70
C GLY A 322 -0.41 7.14 -19.06
N THR A 323 0.19 8.29 -18.77
CA THR A 323 1.52 8.31 -18.19
CA THR A 323 1.53 8.33 -18.21
C THR A 323 1.70 9.56 -17.33
N VAL A 324 2.55 9.43 -16.32
CA VAL A 324 2.93 10.54 -15.44
C VAL A 324 3.98 11.38 -16.15
N ARG A 325 3.70 12.67 -16.32
CA ARG A 325 4.65 13.58 -16.95
C ARG A 325 5.43 14.42 -15.93
N ARG A 326 4.80 14.90 -14.87
CA ARG A 326 5.47 15.81 -13.95
C ARG A 326 4.83 15.67 -12.57
N VAL A 327 5.67 15.72 -11.55
CA VAL A 327 5.22 15.71 -10.16
C VAL A 327 5.89 16.88 -9.46
N VAL A 328 5.11 17.67 -8.73
CA VAL A 328 5.59 18.76 -7.88
C VAL A 328 5.25 18.38 -6.45
N LEU A 329 6.25 18.41 -5.57
CA LEU A 329 6.06 18.05 -4.17
C LEU A 329 6.50 19.22 -3.32
N ARG A 330 5.55 19.81 -2.61
CA ARG A 330 5.80 20.93 -1.70
C ARG A 330 6.64 22.01 -2.38
N GLY A 331 6.21 22.35 -3.61
CA GLY A 331 6.74 23.48 -4.34
C GLY A 331 7.98 23.21 -5.16
N GLU A 332 8.51 21.99 -5.16
CA GLU A 332 9.70 21.63 -5.92
C GLU A 332 9.35 20.58 -6.98
N VAL A 333 9.90 20.74 -8.17
CA VAL A 333 9.73 19.71 -9.19
C VAL A 333 10.43 18.46 -8.69
N ALA A 334 9.67 17.37 -8.58
CA ALA A 334 10.18 16.11 -8.06
C ALA A 334 10.43 15.07 -9.13
N TYR A 335 9.72 15.16 -10.27
CA TYR A 335 9.83 14.18 -11.34
C TYR A 335 9.36 14.80 -12.65
N ILE A 336 10.13 14.63 -13.71
N ILE A 336 10.09 14.56 -13.72
CA ILE A 336 9.69 14.99 -15.06
CA ILE A 336 9.67 14.99 -15.05
C ILE A 336 10.17 13.90 -16.00
C ILE A 336 10.17 13.99 -16.08
N ASP A 337 9.23 13.31 -16.73
CA ASP A 337 9.51 12.41 -17.86
C ASP A 337 10.68 11.48 -17.63
N GLY A 338 10.67 10.80 -16.51
CA GLY A 338 11.63 9.78 -16.23
C GLY A 338 12.78 10.19 -15.34
N GLN A 339 12.91 11.47 -15.03
CA GLN A 339 14.00 11.98 -14.22
C GLN A 339 13.46 12.39 -12.86
N VAL A 340 13.99 11.81 -11.80
CA VAL A 340 13.68 12.28 -10.45
C VAL A 340 14.62 13.44 -10.13
N LEU A 341 14.07 14.50 -9.54
CA LEU A 341 14.80 15.75 -9.35
C LEU A 341 14.83 16.23 -7.90
N VAL A 342 14.36 15.42 -6.96
CA VAL A 342 14.58 15.68 -5.54
C VAL A 342 15.48 14.59 -4.99
N PRO A 343 16.41 14.92 -4.10
CA PRO A 343 17.38 13.95 -3.64
C PRO A 343 16.82 13.09 -2.53
N PRO A 344 17.49 11.98 -2.21
CA PRO A 344 17.19 11.26 -0.98
C PRO A 344 17.24 12.21 0.21
N GLY A 345 16.21 12.14 1.06
CA GLY A 345 16.11 13.01 2.22
C GLY A 345 15.17 14.18 2.05
N TYR A 346 14.71 14.44 0.83
CA TYR A 346 13.73 15.51 0.64
C TYR A 346 12.41 15.19 1.34
N GLY A 347 12.07 13.90 1.41
CA GLY A 347 10.81 13.51 2.01
C GLY A 347 10.82 13.60 3.53
N GLN A 348 9.62 13.76 4.07
CA GLN A 348 9.41 14.00 5.49
C GLN A 348 8.36 13.05 6.05
N ASP A 349 8.44 12.85 7.36
CA ASP A 349 7.51 12.03 8.14
C ASP A 349 6.27 12.85 8.43
N VAL A 350 5.15 12.53 7.76
CA VAL A 350 3.97 13.37 7.90
C VAL A 350 3.38 13.30 9.31
N ARG A 351 3.70 12.28 10.10
CA ARG A 351 3.15 12.24 11.44
C ARG A 351 3.81 13.24 12.39
N LYS A 352 4.93 13.83 11.99
CA LYS A 352 5.58 14.90 12.75
C LYS A 352 5.05 16.29 12.41
N TRP A 353 4.27 16.42 11.34
CA TRP A 353 3.64 17.70 11.02
C TRP A 353 2.49 17.98 11.98
N PRO A 354 2.28 19.22 12.39
CA PRO A 354 1.15 19.51 13.29
C PRO A 354 -0.20 19.03 12.78
N GLN A 355 -0.43 19.19 11.48
CA GLN A 355 -1.64 18.76 10.82
C GLN A 355 -1.68 17.25 10.59
N GLY A 356 -0.60 16.52 10.88
CA GLY A 356 -0.52 15.10 10.63
C GLY A 356 -0.76 14.22 11.83
N ALA A 357 -0.93 14.78 13.02
CA ALA A 357 -1.31 13.99 14.17
C ALA A 357 -2.78 13.60 14.09
N VAL A 358 -3.10 12.42 14.61
CA VAL A 358 -4.49 11.96 14.62
C VAL A 358 -5.21 12.63 15.78
N PRO A 359 -6.30 13.36 15.54
CA PRO A 359 -7.02 13.98 16.65
C PRO A 359 -7.54 12.94 17.64
N GLN A 360 -7.52 13.29 18.93
CA GLN A 360 -7.98 12.37 19.96
C GLN A 360 -8.57 13.16 21.12
N LEU A 361 -9.45 12.48 21.86
CA LEU A 361 -10.00 13.05 23.08
C LEU A 361 -8.92 13.13 24.17
N PRO A 362 -8.92 14.17 25.01
CA PRO A 362 -7.88 14.28 26.03
C PRO A 362 -7.94 13.16 27.09
C6 NCD B . 4.55 -8.88 0.80
C61 NCD B . 6.11 -8.66 0.98
O61 NCD B . 6.49 -7.96 1.95
O62 NCD B . 6.88 -9.21 0.17
N1 NCD B . 4.38 -10.00 -0.13
C2 NCD B . 3.24 -10.36 -0.78
O2 NCD B . 3.17 -11.31 -1.52
N3 NCD B . 2.10 -9.62 -0.61
C5 NCD B . 3.84 -9.08 2.11
C4 NCD B . 2.27 -8.88 2.22
O4 NCD B . 1.67 -7.82 1.80
O5 NCD B . 1.73 -9.92 2.69
H61 NCD B . 4.10 -8.08 0.48
H11 NCD B . 4.92 -10.68 0.07
H31 NCD B . 2.10 -8.91 -0.08
H32 NCD B . 1.34 -9.81 -1.03
H51 NCD B . 4.04 -9.99 2.39
H52 NCD B . 4.26 -8.50 2.76
C FMT C . -10.12 14.30 2.54
O1 FMT C . -9.74 14.76 1.46
O2 FMT C . -9.63 14.65 3.62
H FMT C . -10.90 13.53 2.58
C1 GOL D . -14.10 -4.09 -16.00
O1 GOL D . -15.49 -4.03 -15.85
C2 GOL D . -13.69 -5.56 -16.15
O2 GOL D . -14.27 -6.12 -17.26
C3 GOL D . -12.14 -5.57 -16.23
O3 GOL D . -11.70 -6.90 -16.27
H11 GOL D . -13.63 -3.70 -15.24
H12 GOL D . -13.80 -3.59 -16.78
H2 GOL D . -14.01 -6.08 -15.38
HO2 GOL D . -15.04 -5.79 -17.35
H31 GOL D . -11.79 -5.08 -15.46
H32 GOL D . -11.88 -5.06 -17.01
HO3 GOL D . -10.86 -6.89 -16.33
C FMT E . 5.21 -0.23 28.00
O1 FMT E . 4.17 0.30 28.41
O2 FMT E . 5.60 -1.34 28.38
H FMT E . 5.83 0.30 27.27
HO2 FMT E . 5.07 -1.84 29.04
C1 GOL F . 15.53 19.56 -3.08
O1 GOL F . 16.63 19.84 -2.25
C2 GOL F . 15.72 20.29 -4.44
O2 GOL F . 15.88 19.40 -5.50
C3 GOL F . 14.44 21.15 -4.63
O3 GOL F . 14.36 21.53 -5.99
H11 GOL F . 14.70 19.84 -2.69
H12 GOL F . 15.44 18.61 -3.25
HO1 GOL F . 16.50 19.43 -1.52
H2 GOL F . 16.52 20.84 -4.41
HO2 GOL F . 15.11 19.18 -5.78
H31 GOL F . 14.48 21.92 -4.03
H32 GOL F . 13.67 20.64 -4.33
HO3 GOL F . 14.28 22.37 -6.02
C FMT G . -8.97 1.11 10.69
O1 FMT G . -10.17 1.33 10.53
O2 FMT G . -8.45 1.30 11.76
H FMT G . -8.35 0.74 9.87
HO2 FMT G . -8.92 1.81 12.45
C FMT H . -4.15 19.96 -6.22
O1 FMT H . -4.47 19.85 -7.41
O2 FMT H . -3.10 20.51 -5.83
H FMT H . -4.74 19.43 -5.47
HO2 FMT H . -2.33 20.56 -6.42
ZN ZN I . 2.18 -5.90 2.00
ZN ZN J . -0.07 -8.60 3.09
ZN ZN K . -2.69 -2.63 3.47
#